data_5MNK
#
_entry.id   5MNK
#
_cell.length_a   54.710
_cell.length_b   58.168
_cell.length_c   66.807
_cell.angle_alpha   90.00
_cell.angle_beta   90.00
_cell.angle_gamma   90.00
#
_symmetry.space_group_name_H-M   'P 21 21 21'
#
loop_
_entity.id
_entity.type
_entity.pdbx_description
1 polymer 'Cationic trypsin'
2 non-polymer 'CALCIUM ION'
3 non-polymer BENZYLAMINE
4 non-polymer 'SULFATE ION'
5 water water
#
_entity_poly.entity_id   1
_entity_poly.type   'polypeptide(L)'
_entity_poly.pdbx_seq_one_letter_code
;IVGGYTCGANTVPYQVSLNSGYHFCGGSLINSQWVVSAAHCYKSGIQVRLGEDNINVVEGNEQFISASKSIVHPSYNSNT
LNNDIMLIKLKSAASLNSRVASISLPTSCASAGTQCLISGWGNTKSSGTSYPDVLKCLKAPILSDSSCKSAYPGQITSNM
FCAGYLEGGKDSCQGDSGGPVVCSGKLQGIVSWGSGCAQKNKPGVYTKVCNYVSWIKQTIASN
;
_entity_poly.pdbx_strand_id   A
#
loop_
_chem_comp.id
_chem_comp.type
_chem_comp.name
_chem_comp.formula
ABN non-polymer BENZYLAMINE 'C7 H9 N'
CA non-polymer 'CALCIUM ION' 'Ca 2'
SO4 non-polymer 'SULFATE ION' 'O4 S -2'
#
# COMPACT_ATOMS: atom_id res chain seq x y z
N ILE A 1 4.57 -7.03 7.84
CA ILE A 1 3.73 -8.21 7.46
C ILE A 1 3.96 -9.30 8.49
N VAL A 2 2.89 -9.77 9.12
CA VAL A 2 2.92 -10.85 10.09
C VAL A 2 2.44 -12.12 9.39
N GLY A 3 3.21 -13.21 9.56
CA GLY A 3 2.78 -14.49 9.02
C GLY A 3 2.95 -14.65 7.54
N GLY A 4 3.78 -13.81 6.92
CA GLY A 4 4.08 -13.84 5.51
C GLY A 4 5.35 -14.60 5.21
N TYR A 5 5.94 -14.28 4.06
CA TYR A 5 7.13 -14.95 3.56
C TYR A 5 8.03 -13.91 2.90
N THR A 6 9.30 -14.24 2.76
CA THR A 6 10.24 -13.39 2.06
C THR A 6 9.89 -13.37 0.58
N CYS A 7 9.60 -12.18 0.02
CA CYS A 7 9.12 -12.12 -1.35
C CYS A 7 10.16 -12.68 -2.33
N GLY A 8 11.42 -12.29 -2.13
CA GLY A 8 12.47 -12.46 -3.10
C GLY A 8 12.82 -11.10 -3.70
N ALA A 9 14.13 -10.86 -3.86
CA ALA A 9 14.59 -9.53 -4.24
C ALA A 9 13.99 -9.09 -5.58
N ASN A 10 13.37 -7.91 -5.57
CA ASN A 10 12.85 -7.26 -6.75
C ASN A 10 11.75 -8.03 -7.46
N THR A 11 11.08 -8.93 -6.75
CA THR A 11 9.96 -9.68 -7.31
C THR A 11 8.64 -8.91 -7.25
N VAL A 12 8.62 -7.77 -6.55
CA VAL A 12 7.45 -6.90 -6.40
C VAL A 12 7.91 -5.54 -6.93
N PRO A 13 8.01 -5.38 -8.25
CA PRO A 13 8.84 -4.30 -8.79
C PRO A 13 8.21 -2.92 -8.68
N TYR A 14 6.92 -2.87 -8.36
CA TYR A 14 6.19 -1.62 -8.12
C TYR A 14 6.22 -1.18 -6.65
N GLN A 15 6.74 -2.02 -5.75
CA GLN A 15 6.80 -1.65 -4.35
C GLN A 15 7.89 -0.60 -4.12
N VAL A 16 7.53 0.52 -3.50
N VAL A 16 7.48 0.44 -3.37
CA VAL A 16 8.53 1.52 -3.10
CA VAL A 16 8.27 1.60 -2.99
C VAL A 16 8.52 1.64 -1.58
C VAL A 16 8.51 1.55 -1.48
N SER A 17 9.67 2.10 -1.06
CA SER A 17 9.84 2.52 0.32
C SER A 17 9.90 4.05 0.35
N LEU A 18 9.09 4.65 1.22
CA LEU A 18 9.15 6.08 1.46
C LEU A 18 10.12 6.30 2.63
N ASN A 19 11.13 7.17 2.39
CA ASN A 19 12.23 7.36 3.32
C ASN A 19 12.36 8.84 3.70
N SER A 20 12.45 9.09 5.01
CA SER A 20 12.70 10.44 5.52
C SER A 20 13.87 10.40 6.51
N GLY A 21 14.94 9.69 6.13
CA GLY A 21 16.03 9.32 7.02
C GLY A 21 16.00 7.86 7.42
N TYR A 22 14.91 7.19 7.10
N TYR A 22 14.87 7.20 7.17
CA TYR A 22 14.58 5.82 7.48
CA TYR A 22 14.47 5.88 7.65
C TYR A 22 13.31 5.49 6.70
C TYR A 22 13.20 5.49 6.88
N HIS A 23 13.05 4.21 6.55
CA HIS A 23 11.78 3.75 5.98
C HIS A 23 10.65 4.09 6.94
N PHE A 24 9.56 4.66 6.40
CA PHE A 24 8.39 4.87 7.25
C PHE A 24 7.05 4.44 6.65
N CYS A 25 7.00 4.13 5.37
CA CYS A 25 5.75 3.71 4.75
C CYS A 25 6.10 3.08 3.41
N GLY A 26 5.17 2.27 2.91
CA GLY A 26 5.23 1.79 1.55
C GLY A 26 4.50 2.71 0.58
N GLY A 27 4.58 2.32 -0.69
CA GLY A 27 3.86 2.96 -1.77
C GLY A 27 3.95 2.08 -3.00
N SER A 28 3.24 2.49 -4.05
CA SER A 28 3.18 1.74 -5.30
C SER A 28 3.46 2.68 -6.47
N LEU A 29 4.40 2.29 -7.33
CA LEU A 29 4.71 3.06 -8.53
C LEU A 29 3.62 2.81 -9.58
N ILE A 30 2.96 3.87 -10.04
CA ILE A 30 1.86 3.70 -10.99
C ILE A 30 2.20 4.26 -12.38
N ASN A 31 3.27 5.02 -12.53
N ASN A 31 3.22 5.07 -12.53
CA ASN A 31 3.87 5.32 -13.83
CA ASN A 31 3.83 5.42 -13.81
C ASN A 31 5.29 5.77 -13.52
C ASN A 31 5.23 5.92 -13.49
N SER A 32 6.00 6.31 -14.52
CA SER A 32 7.40 6.63 -14.27
C SER A 32 7.59 7.78 -13.30
N GLN A 33 6.57 8.56 -13.03
N GLN A 33 6.57 8.63 -13.09
CA GLN A 33 6.81 9.72 -12.20
CA GLN A 33 6.67 9.86 -12.31
C GLN A 33 5.82 9.90 -11.05
C GLN A 33 5.85 9.87 -11.02
N TRP A 34 5.00 8.89 -10.77
CA TRP A 34 3.98 9.01 -9.73
C TRP A 34 3.87 7.73 -8.91
N VAL A 35 3.73 7.95 -7.60
CA VAL A 35 3.53 6.92 -6.59
C VAL A 35 2.20 7.16 -5.88
N VAL A 36 1.46 6.06 -5.64
N VAL A 36 1.51 6.10 -5.55
CA VAL A 36 0.26 6.01 -4.77
CA VAL A 36 0.33 6.23 -4.73
C VAL A 36 0.69 5.53 -3.39
C VAL A 36 0.56 5.51 -3.41
N SER A 37 0.19 6.20 -2.33
CA SER A 37 0.40 5.73 -0.97
C SER A 37 -0.84 6.10 -0.15
N ALA A 38 -0.72 5.94 1.18
CA ALA A 38 -1.81 6.31 2.08
C ALA A 38 -1.63 7.77 2.50
N ALA A 39 -2.75 8.51 2.60
CA ALA A 39 -2.70 9.86 3.13
C ALA A 39 -2.12 9.94 4.53
N HIS A 40 -2.34 8.91 5.36
CA HIS A 40 -1.82 8.99 6.71
C HIS A 40 -0.30 8.87 6.74
N CYS A 41 0.33 8.52 5.62
CA CYS A 41 1.79 8.53 5.46
C CYS A 41 2.34 9.91 5.08
N TYR A 42 1.49 10.92 4.88
CA TYR A 42 1.98 12.22 4.47
C TYR A 42 3.01 12.77 5.46
N LYS A 43 4.08 13.35 4.92
CA LYS A 43 5.00 14.22 5.66
C LYS A 43 5.78 14.96 4.58
N SER A 44 6.52 15.98 5.00
N SER A 44 6.53 15.99 5.00
CA SER A 44 7.47 16.57 4.07
CA SER A 44 7.49 16.61 4.10
C SER A 44 8.81 15.80 4.10
C SER A 44 8.83 15.89 4.16
N GLY A 45 9.68 16.13 3.16
CA GLY A 45 10.99 15.52 3.15
C GLY A 45 11.04 14.08 2.69
N ILE A 46 10.17 13.70 1.74
CA ILE A 46 10.11 12.31 1.28
C ILE A 46 11.09 12.06 0.16
N GLN A 47 11.91 11.02 0.32
CA GLN A 47 12.67 10.42 -0.75
C GLN A 47 12.02 9.07 -1.08
N VAL A 48 11.66 8.88 -2.34
CA VAL A 48 11.11 7.63 -2.81
C VAL A 48 12.26 6.69 -3.17
N ARG A 49 12.22 5.47 -2.64
CA ARG A 49 13.26 4.49 -2.87
C ARG A 49 12.63 3.31 -3.64
N LEU A 50 13.05 3.20 -4.90
N LEU A 50 13.01 3.22 -4.91
CA LEU A 50 12.59 2.18 -5.84
CA LEU A 50 12.56 2.18 -5.83
C LEU A 50 13.67 1.12 -6.00
C LEU A 50 13.63 1.08 -5.91
N GLY A 51 13.25 -0.07 -6.43
CA GLY A 51 14.23 -1.14 -6.65
C GLY A 51 14.83 -1.72 -5.38
N GLU A 52 14.17 -1.52 -4.24
CA GLU A 52 14.69 -2.00 -2.97
C GLU A 52 14.33 -3.46 -2.71
N ASP A 53 15.29 -4.17 -2.08
CA ASP A 53 14.99 -5.38 -1.33
C ASP A 53 15.41 -5.13 0.12
N ASN A 54 16.70 -5.30 0.44
CA ASN A 54 17.18 -4.93 1.78
C ASN A 54 17.27 -3.41 1.86
N ILE A 55 16.45 -2.79 2.72
CA ILE A 55 16.41 -1.33 2.83
C ILE A 55 17.61 -0.76 3.60
N ASN A 56 18.47 -1.63 4.15
CA ASN A 56 19.66 -1.21 4.88
C ASN A 56 20.96 -1.49 4.15
N VAL A 57 20.90 -2.02 2.92
CA VAL A 57 22.10 -2.38 2.15
C VAL A 57 21.89 -1.91 0.72
N VAL A 58 22.89 -1.25 0.14
CA VAL A 58 22.84 -0.89 -1.28
C VAL A 58 23.23 -2.15 -2.07
N GLU A 59 22.24 -2.72 -2.78
N GLU A 59 22.25 -2.72 -2.77
CA GLU A 59 22.37 -4.01 -3.46
CA GLU A 59 22.43 -3.99 -3.45
C GLU A 59 22.44 -3.92 -4.98
C GLU A 59 22.63 -3.85 -4.96
N GLY A 60 22.24 -2.73 -5.56
CA GLY A 60 22.57 -2.46 -6.94
C GLY A 60 21.43 -2.22 -7.88
N ASN A 61 20.18 -2.31 -7.42
CA ASN A 61 19.03 -2.04 -8.28
C ASN A 61 18.21 -0.85 -7.82
N GLU A 62 18.68 -0.13 -6.80
CA GLU A 62 17.95 1.01 -6.27
C GLU A 62 17.92 2.19 -7.23
N GLN A 63 16.83 2.96 -7.13
CA GLN A 63 16.76 4.33 -7.62
C GLN A 63 16.18 5.17 -6.49
N PHE A 64 16.88 6.21 -6.07
CA PHE A 64 16.42 7.12 -5.01
C PHE A 64 16.06 8.44 -5.67
N ILE A 65 14.81 8.87 -5.53
CA ILE A 65 14.31 10.06 -6.21
C ILE A 65 13.45 10.84 -5.21
N SER A 66 13.77 12.10 -4.98
N SER A 66 13.79 12.11 -5.01
CA SER A 66 12.98 12.83 -4.02
CA SER A 66 13.02 12.97 -4.12
C SER A 66 11.67 13.33 -4.64
C SER A 66 11.62 13.24 -4.69
N ALA A 67 10.66 13.44 -3.77
CA ALA A 67 9.36 13.92 -4.18
C ALA A 67 9.42 15.41 -4.49
N SER A 68 8.72 15.80 -5.57
CA SER A 68 8.52 17.21 -5.88
C SER A 68 7.21 17.78 -5.36
N LYS A 69 6.19 16.94 -5.22
N LYS A 69 6.21 16.93 -5.13
CA LYS A 69 4.86 17.35 -4.84
CA LYS A 69 4.93 17.40 -4.65
C LYS A 69 4.17 16.15 -4.23
C LYS A 69 4.18 16.22 -4.05
N SER A 70 3.42 16.37 -3.16
N SER A 70 3.35 16.53 -3.06
CA SER A 70 2.53 15.37 -2.60
CA SER A 70 2.45 15.60 -2.42
C SER A 70 1.13 15.97 -2.56
C SER A 70 1.03 16.08 -2.68
N ILE A 71 0.12 15.14 -2.88
CA ILE A 71 -1.29 15.53 -2.98
C ILE A 71 -2.11 14.50 -2.17
N VAL A 72 -2.50 14.91 -0.96
CA VAL A 72 -3.43 14.15 -0.14
C VAL A 72 -4.83 14.28 -0.74
N HIS A 73 -5.62 13.21 -0.69
CA HIS A 73 -6.96 13.25 -1.25
C HIS A 73 -7.73 14.46 -0.69
N PRO A 74 -8.55 15.12 -1.52
N PRO A 74 -8.50 15.16 -1.54
CA PRO A 74 -9.27 16.28 -1.03
CA PRO A 74 -9.30 16.29 -1.06
C PRO A 74 -10.13 16.01 0.19
C PRO A 74 -10.10 16.00 0.20
N SER A 75 -10.67 14.79 0.30
CA SER A 75 -11.63 14.46 1.34
C SER A 75 -11.04 13.53 2.41
N TYR A 76 -9.72 13.42 2.50
CA TYR A 76 -9.12 12.61 3.55
C TYR A 76 -9.55 13.13 4.94
N ASN A 77 -9.98 12.19 5.78
CA ASN A 77 -10.30 12.46 7.18
C ASN A 77 -9.39 11.60 8.05
N SER A 78 -8.49 12.25 8.79
CA SER A 78 -7.50 11.54 9.56
C SER A 78 -8.08 10.85 10.80
N ASN A 79 -9.27 11.25 11.23
CA ASN A 79 -9.90 10.58 12.37
C ASN A 79 -10.56 9.26 11.99
N THR A 80 -11.29 9.24 10.87
CA THR A 80 -11.97 8.03 10.41
C THR A 80 -11.13 7.21 9.44
N LEU A 81 -10.10 7.82 8.87
CA LEU A 81 -9.27 7.28 7.79
C LEU A 81 -10.06 7.07 6.50
N ASN A 82 -11.23 7.71 6.36
CA ASN A 82 -11.90 7.69 5.07
C ASN A 82 -11.07 8.45 4.04
N ASN A 83 -10.98 7.88 2.82
CA ASN A 83 -10.20 8.45 1.73
C ASN A 83 -8.70 8.49 2.05
N ASP A 84 -8.18 7.36 2.58
CA ASP A 84 -6.78 7.27 2.99
C ASP A 84 -5.89 6.96 1.77
N ILE A 85 -5.66 8.01 0.96
CA ILE A 85 -4.92 7.90 -0.29
C ILE A 85 -4.23 9.23 -0.57
N MET A 86 -3.01 9.15 -1.09
N MET A 86 -3.03 9.13 -1.16
CA MET A 86 -2.29 10.31 -1.55
CA MET A 86 -2.14 10.26 -1.46
C MET A 86 -1.47 9.92 -2.77
C MET A 86 -1.30 9.94 -2.70
N LEU A 87 -1.14 10.94 -3.56
CA LEU A 87 -0.24 10.83 -4.70
C LEU A 87 1.04 11.59 -4.40
N ILE A 88 2.16 11.04 -4.86
CA ILE A 88 3.49 11.64 -4.71
C ILE A 88 4.09 11.69 -6.11
N LYS A 89 4.50 12.89 -6.53
CA LYS A 89 5.19 13.05 -7.79
C LYS A 89 6.70 13.05 -7.54
N LEU A 90 7.42 12.34 -8.41
CA LEU A 90 8.87 12.27 -8.35
C LEU A 90 9.49 13.47 -9.10
N LYS A 91 10.62 13.98 -8.57
CA LYS A 91 11.29 15.10 -9.23
C LYS A 91 11.80 14.73 -10.62
N SER A 92 12.13 13.47 -10.87
CA SER A 92 12.54 12.97 -12.18
C SER A 92 11.87 11.62 -12.39
N ALA A 93 11.73 11.23 -13.65
CA ALA A 93 11.12 9.95 -13.97
C ALA A 93 12.05 8.81 -13.60
N ALA A 94 11.48 7.78 -12.99
CA ALA A 94 12.22 6.55 -12.77
C ALA A 94 12.52 5.88 -14.10
N SER A 95 13.62 5.13 -14.13
N SER A 95 13.66 5.19 -14.14
CA SER A 95 13.99 4.33 -15.28
CA SER A 95 13.98 4.30 -15.25
C SER A 95 13.38 2.93 -15.13
C SER A 95 13.26 2.98 -15.03
N LEU A 96 12.39 2.61 -15.95
CA LEU A 96 11.61 1.41 -15.80
C LEU A 96 12.34 0.22 -16.42
N ASN A 97 12.33 -0.89 -15.69
CA ASN A 97 13.00 -2.12 -16.10
C ASN A 97 12.27 -3.30 -15.45
N SER A 98 12.83 -4.52 -15.53
CA SER A 98 12.09 -5.65 -14.95
C SER A 98 11.98 -5.57 -13.43
N ARG A 99 12.91 -4.87 -12.79
N ARG A 99 12.91 -4.86 -12.78
CA ARG A 99 12.95 -4.79 -11.34
CA ARG A 99 12.96 -4.78 -11.33
C ARG A 99 12.32 -3.52 -10.78
C ARG A 99 12.33 -3.51 -10.77
N VAL A 100 12.05 -2.53 -11.63
CA VAL A 100 11.40 -1.28 -11.26
C VAL A 100 10.33 -1.04 -12.31
N ALA A 101 9.07 -1.24 -11.94
CA ALA A 101 7.99 -1.28 -12.90
C ALA A 101 6.74 -0.72 -12.26
N SER A 102 5.91 -0.09 -13.08
N SER A 102 5.90 -0.11 -13.09
CA SER A 102 4.63 0.37 -12.60
CA SER A 102 4.61 0.36 -12.63
C SER A 102 3.64 -0.78 -12.49
C SER A 102 3.65 -0.81 -12.47
N ILE A 103 2.64 -0.59 -11.63
CA ILE A 103 1.51 -1.51 -11.47
C ILE A 103 0.26 -0.85 -12.06
N SER A 104 -0.49 -1.64 -12.85
CA SER A 104 -1.73 -1.18 -13.46
C SER A 104 -2.75 -0.79 -12.41
N LEU A 105 -3.50 0.28 -12.71
CA LEU A 105 -4.67 0.66 -11.95
C LEU A 105 -5.83 -0.24 -12.37
N PRO A 106 -6.78 -0.45 -11.49
N PRO A 106 -6.79 -0.44 -11.45
CA PRO A 106 -7.90 -1.32 -11.86
CA PRO A 106 -7.94 -1.29 -11.76
C PRO A 106 -8.93 -0.59 -12.71
C PRO A 106 -8.78 -0.69 -12.87
N THR A 107 -9.47 -1.31 -13.68
N THR A 107 -9.38 -1.59 -13.64
CA THR A 107 -10.64 -0.78 -14.36
CA THR A 107 -10.46 -1.23 -14.56
C THR A 107 -11.91 -1.24 -13.70
C THR A 107 -11.82 -1.44 -13.91
N SER A 108 -11.86 -2.38 -12.99
CA SER A 108 -13.04 -2.75 -12.24
C SER A 108 -12.60 -3.11 -10.84
N CYS A 109 -13.53 -2.94 -9.92
N CYS A 109 -13.51 -2.87 -9.90
CA CYS A 109 -13.28 -3.23 -8.52
CA CYS A 109 -13.23 -3.26 -8.52
C CYS A 109 -13.31 -4.72 -8.28
C CYS A 109 -13.11 -4.76 -8.43
N ALA A 110 -12.48 -5.18 -7.36
CA ALA A 110 -12.34 -6.59 -7.06
C ALA A 110 -13.41 -7.01 -6.06
N SER A 111 -13.72 -8.27 -6.13
CA SER A 111 -14.74 -8.92 -5.33
C SER A 111 -14.16 -9.71 -4.16
N ALA A 112 -14.96 -9.81 -3.10
CA ALA A 112 -14.63 -10.70 -1.99
C ALA A 112 -14.34 -12.10 -2.54
N GLY A 113 -13.30 -12.72 -1.98
CA GLY A 113 -12.82 -14.01 -2.39
C GLY A 113 -11.62 -13.96 -3.31
N THR A 114 -11.40 -12.81 -3.97
N THR A 114 -11.40 -12.84 -3.98
CA THR A 114 -10.23 -12.63 -4.82
CA THR A 114 -10.24 -12.76 -4.86
C THR A 114 -8.95 -12.69 -4.00
C THR A 114 -8.95 -12.69 -4.05
N GLN A 115 -7.95 -13.40 -4.53
CA GLN A 115 -6.66 -13.45 -3.87
C GLN A 115 -5.82 -12.26 -4.27
N CYS A 116 -5.17 -11.67 -3.28
N CYS A 116 -5.01 -11.84 -3.31
CA CYS A 116 -4.28 -10.56 -3.51
CA CYS A 116 -4.20 -10.67 -3.54
C CYS A 116 -2.89 -10.86 -2.91
C CYS A 116 -2.87 -10.79 -2.81
N LEU A 117 -1.92 -10.02 -3.30
CA LEU A 117 -0.57 -10.01 -2.76
C LEU A 117 -0.36 -8.66 -2.03
N ILE A 118 -0.05 -8.76 -0.75
CA ILE A 118 0.19 -7.60 0.12
C ILE A 118 1.67 -7.65 0.51
N SER A 119 2.36 -6.51 0.50
CA SER A 119 3.80 -6.54 0.72
C SER A 119 4.25 -5.31 1.50
N GLY A 120 5.40 -5.47 2.18
CA GLY A 120 5.98 -4.33 2.88
C GLY A 120 7.12 -4.74 3.81
N TRP A 121 7.69 -3.68 4.41
CA TRP A 121 8.79 -3.76 5.36
C TRP A 121 8.33 -3.50 6.81
N GLY A 122 7.05 -3.68 7.08
CA GLY A 122 6.50 -3.45 8.41
C GLY A 122 6.82 -4.57 9.40
N ASN A 123 6.36 -4.34 10.63
CA ASN A 123 6.58 -5.27 11.73
C ASN A 123 6.10 -6.66 11.33
N THR A 124 6.88 -7.67 11.72
CA THR A 124 6.55 -9.07 11.49
C THR A 124 5.99 -9.76 12.72
N LYS A 125 5.80 -9.03 13.85
CA LYS A 125 5.26 -9.62 15.06
C LYS A 125 3.92 -9.00 15.44
N SER A 126 3.00 -9.85 15.91
CA SER A 126 1.73 -9.37 16.44
C SER A 126 1.81 -8.94 17.90
N SER A 127 2.73 -9.52 18.65
CA SER A 127 3.10 -9.07 19.98
C SER A 127 4.56 -8.66 19.94
N GLY A 128 4.85 -7.42 20.30
CA GLY A 128 6.22 -6.98 20.24
C GLY A 128 6.57 -6.56 18.82
N THR A 129 7.88 -6.48 18.58
CA THR A 129 8.38 -5.71 17.46
C THR A 129 9.63 -6.34 16.86
N SER A 130 9.56 -6.59 15.55
CA SER A 130 10.72 -6.99 14.76
C SER A 130 10.51 -6.50 13.34
N TYR A 131 11.37 -5.64 12.91
N TYR A 131 11.50 -5.69 12.81
CA TYR A 131 11.22 -5.02 11.62
CA TYR A 131 11.50 -5.25 11.41
C TYR A 131 12.22 -5.63 10.67
C TYR A 131 12.49 -6.08 10.57
N PRO A 132 11.77 -6.13 9.53
N PRO A 132 12.08 -6.50 9.34
CA PRO A 132 12.65 -6.86 8.62
CA PRO A 132 12.81 -7.56 8.61
C PRO A 132 13.48 -5.90 7.77
C PRO A 132 13.91 -7.13 7.65
N ASP A 133 14.58 -6.42 7.26
N ASP A 133 13.97 -5.86 7.29
CA ASP A 133 15.38 -5.68 6.31
CA ASP A 133 14.93 -5.34 6.32
C ASP A 133 14.94 -5.90 4.88
C ASP A 133 14.69 -5.78 4.86
N VAL A 134 14.48 -7.10 4.56
CA VAL A 134 14.06 -7.46 3.21
C VAL A 134 12.54 -7.43 3.11
N LEU A 135 12.05 -7.37 1.86
CA LEU A 135 10.61 -7.21 1.64
C LEU A 135 9.87 -8.51 1.96
N LYS A 136 8.76 -8.37 2.69
N LYS A 136 8.76 -8.36 2.68
CA LYS A 136 7.89 -9.48 3.03
CA LYS A 136 7.89 -9.47 3.03
C LYS A 136 6.58 -9.39 2.26
C LYS A 136 6.59 -9.38 2.24
N CYS A 137 5.98 -10.56 2.05
CA CYS A 137 4.81 -10.77 1.21
C CYS A 137 3.79 -11.62 1.95
N LEU A 138 2.52 -11.41 1.59
CA LEU A 138 1.42 -12.22 2.13
C LEU A 138 0.38 -12.35 1.03
N LYS A 139 -0.05 -13.59 0.76
CA LYS A 139 -1.22 -13.82 -0.08
C LYS A 139 -2.45 -13.86 0.82
N ALA A 140 -3.47 -13.10 0.44
CA ALA A 140 -4.65 -12.98 1.30
C ALA A 140 -5.86 -12.68 0.43
N PRO A 141 -7.03 -13.21 0.82
CA PRO A 141 -8.26 -12.91 0.09
C PRO A 141 -8.94 -11.65 0.60
N ILE A 142 -9.66 -10.99 -0.31
CA ILE A 142 -10.59 -9.94 0.09
C ILE A 142 -11.74 -10.58 0.85
N LEU A 143 -12.17 -9.95 1.93
CA LEU A 143 -13.30 -10.40 2.74
C LEU A 143 -14.58 -9.68 2.32
N SER A 144 -15.71 -10.33 2.57
CA SER A 144 -16.98 -9.69 2.25
C SER A 144 -17.15 -8.38 3.03
N ASP A 145 -17.92 -7.47 2.43
CA ASP A 145 -18.29 -6.24 3.12
C ASP A 145 -18.99 -6.55 4.44
N SER A 146 -19.86 -7.56 4.44
N SER A 146 -19.85 -7.57 4.46
CA SER A 146 -20.59 -7.90 5.65
CA SER A 146 -20.55 -7.87 5.71
C SER A 146 -19.64 -8.31 6.78
C SER A 146 -19.61 -8.39 6.79
N SER A 147 -18.66 -9.17 6.48
N SER A 147 -18.64 -9.24 6.42
CA SER A 147 -17.77 -9.61 7.55
CA SER A 147 -17.66 -9.69 7.41
C SER A 147 -16.80 -8.50 7.96
C SER A 147 -16.86 -8.50 7.93
N CYS A 148 -16.44 -7.61 7.03
CA CYS A 148 -15.63 -6.46 7.40
C CYS A 148 -16.37 -5.56 8.37
N LYS A 149 -17.63 -5.25 8.06
CA LYS A 149 -18.47 -4.44 8.94
C LYS A 149 -18.74 -5.11 10.28
N SER A 150 -18.90 -6.43 10.29
N SER A 150 -18.88 -6.43 10.29
CA SER A 150 -19.09 -7.11 11.56
CA SER A 150 -19.09 -7.13 11.54
C SER A 150 -17.84 -7.02 12.42
C SER A 150 -17.85 -7.13 12.42
N ALA A 151 -16.65 -7.05 11.80
CA ALA A 151 -15.40 -6.96 12.55
C ALA A 151 -15.17 -5.56 13.12
N TYR A 152 -15.61 -4.54 12.40
CA TYR A 152 -15.40 -3.14 12.77
C TYR A 152 -16.71 -2.37 12.68
N PRO A 153 -17.59 -2.58 13.68
N PRO A 153 -17.71 -2.72 13.47
CA PRO A 153 -18.85 -1.85 13.73
CA PRO A 153 -19.05 -2.19 13.19
C PRO A 153 -18.63 -0.35 13.70
C PRO A 153 -19.05 -0.67 13.17
N GLY A 154 -19.41 0.32 12.84
N GLY A 154 -19.74 -0.08 12.19
CA GLY A 154 -19.43 1.75 12.78
CA GLY A 154 -19.88 1.37 12.05
C GLY A 154 -18.22 2.40 12.13
C GLY A 154 -18.67 2.11 11.51
N GLN A 155 -17.40 1.62 11.40
N GLN A 155 -17.54 1.44 11.24
CA GLN A 155 -16.11 2.10 10.93
CA GLN A 155 -16.32 2.13 10.86
C GLN A 155 -15.79 1.87 9.45
C GLN A 155 -15.95 1.99 9.40
N ILE A 156 -16.53 1.03 8.72
CA ILE A 156 -16.16 0.68 7.36
C ILE A 156 -17.00 1.49 6.39
N THR A 157 -16.34 2.33 5.60
CA THR A 157 -17.01 3.12 4.59
C THR A 157 -16.94 2.42 3.23
N SER A 158 -17.63 3.00 2.24
CA SER A 158 -17.59 2.48 0.88
C SER A 158 -16.21 2.59 0.25
N ASN A 159 -15.29 3.30 0.89
CA ASN A 159 -13.93 3.48 0.40
C ASN A 159 -12.92 2.55 1.06
N MET A 160 -13.40 1.50 1.71
CA MET A 160 -12.57 0.58 2.46
C MET A 160 -13.00 -0.85 2.15
N PHE A 161 -12.03 -1.78 2.22
CA PHE A 161 -12.37 -3.20 2.25
C PHE A 161 -11.41 -3.88 3.22
N CYS A 162 -11.84 -5.02 3.72
CA CYS A 162 -11.00 -5.85 4.55
C CYS A 162 -10.40 -6.98 3.71
N ALA A 163 -9.19 -7.40 4.09
CA ALA A 163 -8.57 -8.56 3.48
C ALA A 163 -7.75 -9.27 4.54
N GLY A 164 -7.58 -10.58 4.38
CA GLY A 164 -6.85 -11.36 5.35
C GLY A 164 -7.66 -12.53 5.84
N TYR A 165 -7.53 -12.78 7.14
CA TYR A 165 -7.92 -14.04 7.77
C TYR A 165 -8.55 -13.74 9.12
N LEU A 166 -9.83 -14.05 9.29
CA LEU A 166 -10.48 -13.78 10.57
C LEU A 166 -9.88 -14.58 11.71
N GLU A 167 -9.26 -15.73 11.42
CA GLU A 167 -8.69 -16.53 12.49
C GLU A 167 -7.44 -15.91 13.09
N GLY A 168 -6.87 -14.90 12.43
N GLY A 168 -6.88 -14.89 12.43
CA GLY A 168 -5.64 -14.30 12.90
CA GLY A 168 -5.65 -14.24 12.87
C GLY A 168 -4.40 -15.03 12.41
C GLY A 168 -4.43 -14.76 12.14
N GLY A 169 -3.26 -14.39 12.69
CA GLY A 169 -1.96 -14.95 12.35
C GLY A 169 -1.30 -14.41 11.09
N LYS A 170 -2.07 -13.82 10.18
N LYS A 170 -2.06 -13.82 10.17
CA LYS A 170 -1.56 -13.38 8.88
CA LYS A 170 -1.52 -13.40 8.88
C LYS A 170 -2.17 -12.02 8.62
C LYS A 170 -2.14 -12.05 8.52
N ASP A 171 -1.33 -10.99 8.47
CA ASP A 171 -1.89 -9.64 8.30
C ASP A 171 -0.76 -8.67 7.91
N SER A 172 -1.15 -7.48 7.47
CA SER A 172 -0.23 -6.36 7.40
C SER A 172 -0.08 -5.72 8.80
N CYS A 173 0.91 -4.83 8.94
CA CYS A 173 1.20 -4.28 10.26
C CYS A 173 1.87 -2.92 10.13
N GLN A 174 2.14 -2.30 11.29
N GLN A 174 2.22 -2.35 11.30
CA GLN A 174 2.77 -0.97 11.30
CA GLN A 174 2.88 -1.04 11.33
C GLN A 174 4.05 -1.00 10.46
C GLN A 174 4.06 -1.06 10.38
N GLY A 175 4.21 0.02 9.59
CA GLY A 175 5.31 0.12 8.66
C GLY A 175 5.00 -0.40 7.26
N ASP A 176 3.90 -1.16 7.14
CA ASP A 176 3.39 -1.58 5.82
C ASP A 176 2.47 -0.53 5.20
N SER A 177 1.97 0.41 6.02
N SER A 177 2.00 0.42 6.03
CA SER A 177 0.97 1.37 5.56
CA SER A 177 1.06 1.44 5.60
C SER A 177 1.44 2.07 4.30
C SER A 177 1.49 2.07 4.29
N GLY A 178 0.48 2.31 3.42
CA GLY A 178 0.75 2.94 2.15
C GLY A 178 1.10 1.98 1.02
N GLY A 179 1.47 0.74 1.37
CA GLY A 179 1.89 -0.20 0.38
C GLY A 179 0.74 -0.89 -0.34
N PRO A 180 1.11 -1.74 -1.29
CA PRO A 180 0.15 -2.31 -2.24
C PRO A 180 -0.58 -3.54 -1.75
N VAL A 181 -1.82 -3.65 -2.30
CA VAL A 181 -2.62 -4.87 -2.35
C VAL A 181 -2.92 -5.08 -3.83
N VAL A 182 -2.30 -6.10 -4.45
CA VAL A 182 -2.39 -6.34 -5.88
C VAL A 182 -3.14 -7.62 -6.12
N CYS A 183 -4.17 -7.57 -6.95
N CYS A 183 -4.14 -7.57 -6.99
CA CYS A 183 -5.08 -8.70 -7.13
CA CYS A 183 -5.00 -8.72 -7.29
C CYS A 183 -5.20 -8.92 -8.64
C CYS A 183 -5.07 -8.82 -8.80
N SER A 184 -4.73 -10.07 -9.12
N SER A 184 -4.81 -10.01 -9.36
CA SER A 184 -4.75 -10.38 -10.56
CA SER A 184 -4.88 -10.19 -10.80
C SER A 184 -4.09 -9.26 -11.39
C SER A 184 -4.06 -9.13 -11.51
N GLY A 185 -2.93 -8.77 -10.92
CA GLY A 185 -2.09 -7.83 -11.62
C GLY A 185 -2.56 -6.39 -11.56
N LYS A 186 -3.54 -6.04 -10.71
CA LYS A 186 -4.05 -4.66 -10.61
C LYS A 186 -3.93 -4.20 -9.16
N LEU A 187 -3.63 -2.91 -8.97
CA LEU A 187 -3.57 -2.31 -7.64
C LEU A 187 -4.98 -2.03 -7.13
N GLN A 188 -5.48 -2.91 -6.26
CA GLN A 188 -6.83 -2.78 -5.72
C GLN A 188 -6.88 -2.15 -4.33
N GLY A 189 -5.80 -2.23 -3.57
CA GLY A 189 -5.83 -1.70 -2.21
C GLY A 189 -4.53 -1.01 -1.84
N ILE A 190 -4.66 -0.20 -0.77
CA ILE A 190 -3.54 0.45 -0.10
C ILE A 190 -3.64 0.07 1.38
N VAL A 191 -2.53 -0.39 1.97
CA VAL A 191 -2.51 -0.73 3.40
C VAL A 191 -2.89 0.52 4.20
N SER A 192 -3.97 0.42 5.01
CA SER A 192 -4.52 1.59 5.67
C SER A 192 -4.57 1.45 7.20
N TRP A 193 -5.36 0.53 7.76
CA TRP A 193 -5.51 0.49 9.21
C TRP A 193 -6.04 -0.85 9.68
N GLY A 194 -6.24 -0.93 10.99
N GLY A 194 -6.20 -0.97 11.00
CA GLY A 194 -6.90 -2.06 11.60
CA GLY A 194 -6.68 -2.19 11.62
C GLY A 194 -6.87 -1.85 13.10
C GLY A 194 -6.42 -2.14 13.11
N SER A 195 -6.89 -2.93 13.86
N SER A 195 -6.97 -3.10 13.84
CA SER A 195 -6.68 -2.89 15.30
CA SER A 195 -6.78 -3.14 15.29
C SER A 195 -5.62 -3.92 15.65
C SER A 195 -5.58 -4.04 15.61
N GLY A 196 -4.43 -3.44 15.95
CA GLY A 196 -3.31 -4.34 16.06
C GLY A 196 -3.01 -5.01 14.74
N CYS A 197 -2.31 -6.15 14.83
CA CYS A 197 -1.92 -6.92 13.66
C CYS A 197 -2.16 -8.39 13.92
N ALA A 198 -2.82 -9.07 12.98
CA ALA A 198 -2.95 -10.51 12.99
C ALA A 198 -3.74 -11.04 14.20
N GLN A 199 -4.56 -10.19 14.81
CA GLN A 199 -5.44 -10.64 15.89
C GLN A 199 -6.72 -11.25 15.34
N LYS A 200 -7.28 -12.19 16.08
CA LYS A 200 -8.54 -12.80 15.69
C LYS A 200 -9.61 -11.74 15.51
N ASN A 201 -10.37 -11.87 14.43
CA ASN A 201 -11.54 -11.02 14.16
C ASN A 201 -11.19 -9.55 13.94
N LYS A 202 -9.93 -9.26 13.60
CA LYS A 202 -9.46 -7.90 13.36
C LYS A 202 -8.56 -7.91 12.11
N PRO A 203 -9.17 -8.14 10.95
CA PRO A 203 -8.39 -8.20 9.71
C PRO A 203 -7.91 -6.80 9.32
N GLY A 204 -6.99 -6.77 8.37
CA GLY A 204 -6.55 -5.49 7.85
C GLY A 204 -7.64 -4.80 7.03
N VAL A 205 -7.58 -3.47 7.07
CA VAL A 205 -8.48 -2.60 6.32
C VAL A 205 -7.64 -1.80 5.33
N TYR A 206 -8.17 -1.73 4.09
CA TYR A 206 -7.43 -1.25 2.94
C TYR A 206 -8.26 -0.22 2.19
N THR A 207 -7.59 0.81 1.68
CA THR A 207 -8.26 1.80 0.86
C THR A 207 -8.65 1.16 -0.49
N LYS A 208 -9.90 1.40 -0.91
CA LYS A 208 -10.47 0.75 -2.10
C LYS A 208 -10.12 1.56 -3.35
N VAL A 209 -8.97 1.21 -3.97
CA VAL A 209 -8.37 2.00 -5.03
C VAL A 209 -9.29 2.22 -6.23
N CYS A 210 -10.11 1.24 -6.59
N CYS A 210 -10.15 1.23 -6.54
CA CYS A 210 -10.91 1.43 -7.80
CA CYS A 210 -11.06 1.32 -7.68
C CYS A 210 -11.80 2.69 -7.69
C CYS A 210 -11.95 2.55 -7.63
N ASN A 211 -12.19 3.10 -6.45
CA ASN A 211 -13.02 4.28 -6.30
C ASN A 211 -12.30 5.58 -6.68
N TYR A 212 -10.97 5.52 -6.78
CA TYR A 212 -10.12 6.68 -6.91
C TYR A 212 -9.45 6.80 -8.28
N VAL A 213 -9.72 5.88 -9.20
CA VAL A 213 -9.01 5.91 -10.48
C VAL A 213 -9.28 7.20 -11.23
N SER A 214 -10.53 7.68 -11.24
N SER A 214 -10.52 7.69 -11.24
N SER A 214 -10.52 7.70 -11.23
CA SER A 214 -10.82 8.94 -11.93
CA SER A 214 -10.79 8.94 -11.95
CA SER A 214 -10.76 8.93 -11.98
C SER A 214 -10.00 10.07 -11.35
C SER A 214 -10.00 10.10 -11.36
C SER A 214 -10.05 10.13 -11.36
N TRP A 215 -10.00 10.20 -10.02
CA TRP A 215 -9.23 11.26 -9.35
C TRP A 215 -7.73 11.11 -9.65
N ILE A 216 -7.21 9.89 -9.58
CA ILE A 216 -5.79 9.70 -9.87
C ILE A 216 -5.47 10.18 -11.27
N LYS A 217 -6.25 9.72 -12.26
CA LYS A 217 -5.94 10.06 -13.64
C LYS A 217 -6.05 11.56 -13.88
N GLN A 218 -7.08 12.22 -13.35
N GLN A 218 -7.10 12.19 -13.36
CA GLN A 218 -7.22 13.64 -13.66
CA GLN A 218 -7.28 13.62 -13.56
C GLN A 218 -6.20 14.47 -12.87
C GLN A 218 -6.14 14.39 -12.91
N THR A 219 -5.78 13.99 -11.69
CA THR A 219 -4.72 14.67 -10.96
C THR A 219 -3.41 14.58 -11.71
N ILE A 220 -3.06 13.39 -12.18
CA ILE A 220 -1.83 13.24 -12.92
C ILE A 220 -1.87 14.12 -14.17
N ALA A 221 -3.01 14.18 -14.87
CA ALA A 221 -3.12 14.91 -16.13
C ALA A 221 -2.91 16.41 -15.99
N SER A 222 -3.06 16.96 -14.78
N SER A 222 -3.00 16.94 -14.78
CA SER A 222 -2.91 18.38 -14.56
CA SER A 222 -2.92 18.37 -14.55
C SER A 222 -1.81 18.76 -13.57
C SER A 222 -1.77 18.77 -13.64
N ASN A 223 -0.95 17.82 -13.19
CA ASN A 223 0.12 18.09 -12.22
C ASN A 223 1.44 17.51 -12.62
CA CA B . 18.80 -1.59 -0.71
N ABN C . -3.15 -4.94 10.73
C ABN C . -3.59 -3.88 9.81
C1 ABN C . -2.78 -2.63 9.95
C2 ABN C . -2.92 -1.82 11.08
C3 ABN C . -2.18 -0.68 11.22
C4 ABN C . -1.28 -0.31 10.24
C5 ABN C . -1.16 -1.07 9.12
C6 ABN C . -1.89 -2.22 8.97
S SO4 D . 1.43 2.92 10.56
O1 SO4 D . -0.02 3.05 10.77
O2 SO4 D . 1.70 1.70 9.79
O3 SO4 D . 2.06 2.93 11.83
O4 SO4 D . 1.78 4.02 9.69
S SO4 E . 5.79 20.19 -12.57
O1 SO4 E . 5.15 19.70 -13.79
O2 SO4 E . 6.00 19.08 -11.70
O3 SO4 E . 4.91 21.13 -11.92
O4 SO4 E . 7.08 20.81 -12.85
S SO4 F . -9.04 -5.57 -13.71
O1 SO4 F . -10.36 -6.11 -13.91
O2 SO4 F . -8.27 -6.60 -13.03
O3 SO4 F . -8.46 -5.30 -15.00
O4 SO4 F . -9.11 -4.35 -12.88
#